data_2K1Y
#
_entry.id   2K1Y
#
_cell.length_a   1.000
_cell.length_b   1.000
_cell.length_c   1.000
_cell.angle_alpha   90.00
_cell.angle_beta   90.00
_cell.angle_gamma   90.00
#
_symmetry.space_group_name_H-M   'P 1'
#
loop_
_entity.id
_entity.type
_entity.pdbx_description
1 polymer "5'-D(*DCP*DGP*DTP*DAP*DCP*(GNE)P*DCP*DAP*DTP*DGP*DC)-3'"
2 polymer "5'-D(*DGP*DCP*DAP*DTP*DGP*DCP*DGP*DTP*DAP*DCP*DG)-3'"
#
loop_
_entity_poly.entity_id
_entity_poly.type
_entity_poly.pdbx_seq_one_letter_code
_entity_poly.pdbx_strand_id
1 'polydeoxyribonucleotide' (DC)(DG)(DT)(DA)(DC)(GNE)(DC)(DA)(DT)(DG)(DC) A
2 'polydeoxyribonucleotide' (DG)(DC)(DA)(DT)(DG)(DC)(DG)(DT)(DA)(DC)(DG) B
#